data_4GMO
#
_entry.id   4GMO
#
_cell.length_a   166.430
_cell.length_b   59.730
_cell.length_c   69.550
_cell.angle_alpha   90.00
_cell.angle_beta   97.71
_cell.angle_gamma   90.00
#
_symmetry.space_group_name_H-M   'C 1 2 1'
#
loop_
_entity.id
_entity.type
_entity.pdbx_description
1 polymer 'Putative uncharacterized protein'
2 water water
#
_entity_poly.entity_id   1
_entity_poly.type   'polypeptide(L)'
_entity_poly.pdbx_seq_one_letter_code
;MGKTRRNRVRNRTDPIAKPVKPPTDPELAKLREDKILPVLKDLKSPDAKSRTTAAGAIANIVQDAKCRKLLLREQVVHIV
LTETLTDNNIDSRAAGWEILKVLAQEEEADFCVHLYRLDVLTAIEHAAKAVLETLTTSEPPFSKLLKAQQRLVWDITGSL
LVLIGLLALARDEIHEAVATKQTILRLLFRLISADIAPQDIYEEAISCLTTLSEDNLKVGQAITDDQETHVYDVLLKLAT
GTDPRAVMACGVLHNVFTSLQWMDHSPGKDGACDAILIPTLTRALEHVVPGGAKFNGDARYANITLLALVTLASIGTDFQ
ETLVKGNQGSRESPISAADEEWNGFDDADGDAMDVDQKSSSGEDQEEDYEEIDVKEDDEDDDDDSITSEMQADMERVVGA
DGTDDGDLEDLPTLRELIQTAVPQLIRLSNLPIDSDESLTIQSHALSALNNISWTISCLEFANGENANIHNAWYPTAKKI
WRKTILPILEADSADLKLATQVTSLAWAVARVLHGETPTDGNPHRKFISLYHSSKQQAGGNSNSIEEPEDPFQGLGVKCI
GVVGSLAHDPAPIEVNREVGVFLVTLLRQSNNVPPAEIVEALNQLFDIYGDEELACDKEVFWKDGFLKHLEEFLPKMRTL
TKGIDKRTQPELRTRADEALLNLGRFVQYKKKHAPKGSHHHHHH
;
_entity_poly.pdbx_strand_id   A
#
# COMPACT_ATOMS: atom_id res chain seq x y z
N ASP A 25 -5.51 -15.67 39.11
CA ASP A 25 -4.38 -14.76 39.16
C ASP A 25 -4.56 -13.63 40.20
N PRO A 26 -3.81 -13.71 41.32
CA PRO A 26 -3.94 -12.74 42.41
C PRO A 26 -3.32 -11.38 42.11
N GLU A 27 -2.28 -11.33 41.29
CA GLU A 27 -1.69 -10.05 40.89
C GLU A 27 -2.65 -9.20 40.06
N LEU A 28 -3.56 -9.84 39.33
CA LEU A 28 -4.60 -9.14 38.58
C LEU A 28 -5.68 -8.59 39.52
N ALA A 29 -5.99 -9.34 40.56
CA ALA A 29 -7.01 -8.90 41.52
C ALA A 29 -6.59 -7.62 42.23
N LYS A 30 -5.31 -7.51 42.57
CA LYS A 30 -4.83 -6.33 43.28
C LYS A 30 -4.68 -5.17 42.31
N LEU A 31 -4.10 -5.46 41.15
CA LEU A 31 -3.97 -4.50 40.06
C LEU A 31 -5.33 -3.89 39.73
N ARG A 32 -6.35 -4.75 39.74
CA ARG A 32 -7.72 -4.33 39.56
C ARG A 32 -8.20 -3.48 40.73
N GLU A 33 -7.78 -3.83 41.92
CA GLU A 33 -8.10 -3.13 43.16
C GLU A 33 -7.49 -1.77 43.39
N ASP A 34 -6.25 -1.61 42.93
CA ASP A 34 -5.48 -0.42 43.16
C ASP A 34 -5.28 0.55 42.01
N LYS A 35 -5.73 0.19 40.82
CA LYS A 35 -5.71 1.16 39.72
C LYS A 35 -6.92 1.17 38.83
N ILE A 36 -7.74 0.16 38.93
CA ILE A 36 -8.84 0.02 38.02
C ILE A 36 -10.12 0.44 38.67
N LEU A 37 -10.39 -0.13 39.82
CA LEU A 37 -11.62 0.13 40.52
C LEU A 37 -11.73 1.57 41.00
N PRO A 38 -10.63 2.13 41.48
CA PRO A 38 -10.62 3.53 41.91
C PRO A 38 -10.95 4.51 40.78
N VAL A 39 -10.20 4.41 39.68
CA VAL A 39 -10.35 5.33 38.55
C VAL A 39 -11.72 5.25 37.90
N LEU A 40 -12.35 4.09 37.97
CA LEU A 40 -13.66 3.91 37.35
C LEU A 40 -14.74 4.62 38.15
N LYS A 41 -14.56 4.63 39.47
CA LYS A 41 -15.47 5.35 40.36
C LYS A 41 -15.31 6.85 40.08
N ASP A 42 -14.09 7.26 39.76
CA ASP A 42 -13.79 8.60 39.31
C ASP A 42 -14.43 8.95 37.95
N LEU A 43 -14.46 7.97 37.07
CA LEU A 43 -15.05 8.14 35.76
C LEU A 43 -16.51 8.41 35.98
N LYS A 44 -17.05 7.76 36.99
CA LYS A 44 -18.40 7.99 37.49
C LYS A 44 -18.41 9.16 38.47
N SER A 45 -19.59 9.51 38.95
CA SER A 45 -19.83 10.58 39.94
C SER A 45 -20.26 11.90 39.29
N PRO A 46 -20.91 12.80 40.15
CA PRO A 46 -21.46 13.97 39.44
C PRO A 46 -20.41 14.81 38.74
N ASP A 47 -19.30 15.11 39.42
CA ASP A 47 -18.24 15.94 38.83
C ASP A 47 -16.97 15.17 38.73
N ALA A 48 -16.29 15.16 37.56
CA ALA A 48 -16.19 16.10 36.44
C ALA A 48 -14.84 16.83 36.20
N LYS A 49 -13.96 16.95 37.19
CA LYS A 49 -12.55 17.03 36.91
C LYS A 49 -12.27 15.63 36.52
N SER A 50 -12.82 14.80 37.37
CA SER A 50 -12.36 13.44 37.52
C SER A 50 -12.52 12.82 36.17
N ARG A 51 -13.40 13.38 35.35
CA ARG A 51 -13.61 12.72 34.08
C ARG A 51 -12.48 12.91 33.05
N THR A 52 -12.04 14.15 32.83
CA THR A 52 -10.85 14.37 31.98
C THR A 52 -9.62 13.73 32.62
N THR A 53 -9.61 13.72 33.95
CA THR A 53 -8.54 13.11 34.75
C THR A 53 -8.56 11.59 34.63
N ALA A 54 -9.74 11.02 34.73
CA ALA A 54 -9.94 9.62 34.37
C ALA A 54 -9.33 9.36 32.99
N ALA A 55 -9.75 10.15 32.00
CA ALA A 55 -9.31 9.94 30.63
C ALA A 55 -7.79 9.98 30.55
N GLY A 56 -7.20 11.07 31.04
CA GLY A 56 -5.76 11.24 30.98
C GLY A 56 -5.07 10.09 31.69
N ALA A 57 -5.65 9.68 32.82
CA ALA A 57 -5.14 8.54 33.57
C ALA A 57 -5.12 7.32 32.64
N ILE A 58 -6.26 7.07 32.00
CA ILE A 58 -6.40 5.93 31.12
C ILE A 58 -5.48 5.98 29.89
N ALA A 59 -5.15 7.19 29.44
CA ALA A 59 -4.24 7.36 28.30
C ALA A 59 -2.91 6.65 28.55
N ASN A 60 -2.56 6.51 29.82
CA ASN A 60 -1.32 5.82 30.17
C ASN A 60 -1.59 4.41 30.75
N ILE A 61 -2.73 4.26 31.41
CA ILE A 61 -3.17 2.97 31.91
C ILE A 61 -3.45 2.05 30.76
N VAL A 62 -4.06 2.62 29.73
CA VAL A 62 -4.48 1.92 28.51
C VAL A 62 -3.30 1.34 27.77
N GLN A 63 -2.16 2.00 27.93
CA GLN A 63 -0.90 1.60 27.32
C GLN A 63 -0.41 0.23 27.79
N ASP A 64 -0.63 -0.07 29.04
CA ASP A 64 -0.34 -1.39 29.54
C ASP A 64 -1.41 -2.35 29.04
N ALA A 65 -0.97 -3.46 28.50
CA ALA A 65 -1.86 -4.54 28.04
C ALA A 65 -2.79 -5.06 29.16
N LYS A 66 -2.21 -5.44 30.28
CA LYS A 66 -2.97 -6.03 31.39
C LYS A 66 -3.92 -5.03 32.05
N CYS A 67 -3.52 -3.77 32.16
CA CYS A 67 -4.43 -2.74 32.67
C CYS A 67 -5.58 -2.46 31.71
N ARG A 68 -5.25 -2.42 30.41
CA ARG A 68 -6.25 -2.16 29.38
C ARG A 68 -7.32 -3.25 29.36
N LYS A 69 -6.90 -4.49 29.55
CA LYS A 69 -7.82 -5.62 29.46
C LYS A 69 -8.79 -5.64 30.65
N LEU A 70 -8.29 -5.31 31.84
CA LEU A 70 -9.14 -5.22 33.04
C LEU A 70 -10.18 -4.13 32.89
N LEU A 71 -9.77 -2.98 32.36
CA LEU A 71 -10.67 -1.87 32.08
C LEU A 71 -11.79 -2.29 31.13
N LEU A 72 -11.44 -2.99 30.06
CA LEU A 72 -12.45 -3.49 29.13
C LEU A 72 -13.37 -4.50 29.83
N ARG A 73 -12.80 -5.35 30.68
CA ARG A 73 -13.59 -6.29 31.48
C ARG A 73 -14.54 -5.54 32.41
N GLU A 74 -14.08 -4.41 32.97
CA GLU A 74 -14.92 -3.56 33.81
C GLU A 74 -15.95 -2.71 33.04
N GLN A 75 -16.17 -2.99 31.75
CA GLN A 75 -17.23 -2.31 31.01
C GLN A 75 -17.04 -0.80 30.80
N VAL A 76 -15.78 -0.37 30.63
CA VAL A 76 -15.51 1.05 30.37
C VAL A 76 -16.18 1.60 29.10
N VAL A 77 -16.16 0.86 28.01
CA VAL A 77 -16.80 1.37 26.79
C VAL A 77 -18.30 1.66 27.04
N HIS A 78 -19.00 0.73 27.67
CA HIS A 78 -20.42 0.89 27.94
C HIS A 78 -20.65 2.14 28.81
N ILE A 79 -19.79 2.32 29.80
CA ILE A 79 -19.84 3.53 30.61
C ILE A 79 -19.68 4.78 29.76
N VAL A 80 -18.63 4.80 28.92
CA VAL A 80 -18.31 5.99 28.11
C VAL A 80 -19.46 6.32 27.17
N LEU A 81 -20.03 5.30 26.54
CA LEU A 81 -21.10 5.51 25.57
C LEU A 81 -22.43 5.93 26.21
N THR A 82 -22.68 5.52 27.44
CA THR A 82 -23.96 5.85 28.08
C THR A 82 -23.90 7.06 29.01
N GLU A 83 -22.74 7.34 29.60
CA GLU A 83 -22.61 8.45 30.54
C GLU A 83 -21.70 9.58 30.08
N THR A 84 -20.42 9.27 29.93
CA THR A 84 -19.40 10.28 29.68
C THR A 84 -19.67 11.08 28.41
N LEU A 85 -20.06 10.38 27.35
CA LEU A 85 -20.26 11.02 26.05
C LEU A 85 -21.59 11.78 25.96
N THR A 86 -22.55 11.42 26.81
CA THR A 86 -23.86 12.05 26.76
C THR A 86 -23.99 13.13 27.82
N ASP A 87 -22.86 13.48 28.44
CA ASP A 87 -22.79 14.52 29.45
C ASP A 87 -22.95 15.92 28.86
N ASN A 88 -23.73 16.75 29.57
CA ASN A 88 -23.91 18.14 29.17
C ASN A 88 -22.64 18.96 29.17
N ASN A 89 -21.68 18.58 30.01
CA ASN A 89 -20.39 19.26 30.02
C ASN A 89 -19.43 18.78 28.91
N ILE A 90 -18.89 19.74 28.16
CA ILE A 90 -17.99 19.45 27.05
C ILE A 90 -16.64 18.90 27.54
N ASP A 91 -16.21 19.32 28.73
CA ASP A 91 -14.98 18.78 29.31
C ASP A 91 -15.16 17.27 29.51
N SER A 92 -16.37 16.86 29.85
CA SER A 92 -16.65 15.44 30.00
C SER A 92 -16.70 14.72 28.65
N ARG A 93 -17.41 15.29 27.69
CA ARG A 93 -17.49 14.67 26.38
C ARG A 93 -16.08 14.49 25.76
N ALA A 94 -15.22 15.46 25.96
CA ALA A 94 -13.85 15.42 25.45
C ALA A 94 -13.10 14.24 26.04
N ALA A 95 -13.14 14.10 27.37
CA ALA A 95 -12.53 12.97 28.05
C ALA A 95 -13.06 11.63 27.54
N GLY A 96 -14.36 11.54 27.30
CA GLY A 96 -14.95 10.32 26.78
C GLY A 96 -14.38 9.96 25.42
N TRP A 97 -14.29 10.93 24.52
CA TRP A 97 -13.79 10.69 23.16
C TRP A 97 -12.31 10.31 23.14
N GLU A 98 -11.52 10.99 23.97
CA GLU A 98 -10.13 10.59 24.18
C GLU A 98 -10.00 9.12 24.60
N ILE A 99 -10.86 8.67 25.51
CA ILE A 99 -10.78 7.29 25.97
C ILE A 99 -11.03 6.27 24.85
N LEU A 100 -12.05 6.53 24.04
CA LEU A 100 -12.32 5.64 22.91
C LEU A 100 -11.15 5.67 21.92
N LYS A 101 -10.53 6.84 21.78
CA LYS A 101 -9.43 7.01 20.83
C LYS A 101 -8.25 6.13 21.21
N VAL A 102 -7.75 6.31 22.42
CA VAL A 102 -6.60 5.53 22.88
C VAL A 102 -6.87 4.01 22.88
N LEU A 103 -8.07 3.60 23.30
CA LEU A 103 -8.45 2.20 23.18
C LEU A 103 -8.36 1.70 21.73
N ALA A 104 -8.90 2.47 20.79
CA ALA A 104 -8.91 2.03 19.39
C ALA A 104 -7.48 1.94 18.85
N GLN A 105 -6.62 2.87 19.26
CA GLN A 105 -5.22 2.90 18.82
C GLN A 105 -4.41 1.73 19.36
N GLU A 106 -4.88 1.10 20.44
CA GLU A 106 -4.13 0.05 21.10
C GLU A 106 -4.66 -1.36 20.82
N GLU A 107 -5.96 -1.48 20.56
CA GLU A 107 -6.52 -2.80 20.31
C GLU A 107 -6.43 -3.18 18.85
N GLU A 108 -6.79 -4.42 18.53
CA GLU A 108 -6.84 -4.84 17.13
C GLU A 108 -8.12 -4.28 16.49
N ALA A 109 -8.24 -4.50 15.19
CA ALA A 109 -9.31 -3.93 14.41
C ALA A 109 -10.65 -4.40 14.95
N ASP A 110 -10.68 -5.60 15.52
CA ASP A 110 -11.94 -6.13 16.05
C ASP A 110 -12.56 -5.24 17.16
N PHE A 111 -11.75 -4.42 17.81
CA PHE A 111 -12.26 -3.48 18.79
C PHE A 111 -13.14 -2.42 18.11
N CYS A 112 -12.65 -1.91 16.98
CA CYS A 112 -13.41 -0.98 16.16
C CYS A 112 -14.70 -1.60 15.68
N VAL A 113 -14.66 -2.89 15.34
CA VAL A 113 -15.87 -3.58 14.90
C VAL A 113 -16.89 -3.60 16.03
N HIS A 114 -16.39 -3.83 17.23
CA HIS A 114 -17.20 -3.80 18.45
C HIS A 114 -17.86 -2.42 18.67
N LEU A 115 -17.08 -1.34 18.66
CA LEU A 115 -17.66 0.01 18.73
C LEU A 115 -18.71 0.22 17.65
N TYR A 116 -18.44 -0.32 16.46
CA TYR A 116 -19.35 -0.17 15.36
C TYR A 116 -20.67 -0.87 15.67
N ARG A 117 -20.57 -2.08 16.22
CA ARG A 117 -21.76 -2.86 16.53
C ARG A 117 -22.53 -2.23 17.70
N LEU A 118 -21.82 -1.48 18.54
CA LEU A 118 -22.47 -0.67 19.57
C LEU A 118 -23.03 0.65 19.03
N ASP A 119 -22.93 0.88 17.72
CA ASP A 119 -23.52 2.07 17.14
C ASP A 119 -22.72 3.36 17.45
N VAL A 120 -21.41 3.23 17.58
CA VAL A 120 -20.52 4.37 17.80
C VAL A 120 -20.62 5.43 16.68
N LEU A 121 -20.96 5.02 15.46
CA LEU A 121 -21.04 5.99 14.36
C LEU A 121 -22.14 7.03 14.52
N THR A 122 -23.24 6.64 15.15
CA THR A 122 -24.29 7.60 15.43
C THR A 122 -23.81 8.63 16.45
N ALA A 123 -23.07 8.18 17.47
CA ALA A 123 -22.47 9.11 18.44
C ALA A 123 -21.42 10.06 17.83
N ILE A 124 -20.61 9.53 16.93
CA ILE A 124 -19.60 10.34 16.25
C ILE A 124 -20.29 11.37 15.38
N GLU A 125 -21.31 10.92 14.66
CA GLU A 125 -22.13 11.82 13.85
C GLU A 125 -22.74 12.95 14.69
N HIS A 126 -23.28 12.61 15.87
CA HIS A 126 -23.83 13.63 16.77
C HIS A 126 -22.77 14.63 17.26
N ALA A 127 -21.58 14.14 17.60
CA ALA A 127 -20.51 15.02 18.05
C ALA A 127 -20.00 15.92 16.92
N ALA A 128 -19.90 15.38 15.70
CA ALA A 128 -19.43 16.17 14.57
C ALA A 128 -20.48 17.22 14.21
N LYS A 129 -21.74 16.85 14.39
CA LYS A 129 -22.83 17.81 14.27
C LYS A 129 -22.63 18.99 15.22
N ALA A 130 -22.39 18.71 16.50
CA ALA A 130 -22.18 19.77 17.47
C ALA A 130 -20.92 20.60 17.18
N VAL A 131 -19.84 19.95 16.73
CA VAL A 131 -18.62 20.67 16.41
C VAL A 131 -18.91 21.63 15.28
N LEU A 132 -19.59 21.14 14.25
CA LEU A 132 -19.87 21.96 13.07
C LEU A 132 -20.76 23.17 13.40
N GLU A 133 -21.80 22.96 14.21
CA GLU A 133 -22.63 24.04 14.74
C GLU A 133 -21.77 25.11 15.40
N THR A 134 -20.91 24.69 16.31
CA THR A 134 -20.04 25.60 17.07
C THR A 134 -19.05 26.41 16.22
N LEU A 135 -18.70 25.86 15.06
CA LEU A 135 -17.70 26.46 14.19
C LEU A 135 -18.34 27.47 13.23
N THR A 136 -19.63 27.33 12.99
CA THR A 136 -20.31 28.13 11.99
C THR A 136 -21.32 29.10 12.61
N THR A 137 -21.52 29.04 13.92
CA THR A 137 -22.50 29.92 14.57
C THR A 137 -21.98 31.32 14.83
N SER A 138 -22.88 32.29 14.71
CA SER A 138 -22.58 33.68 15.04
C SER A 138 -23.06 34.02 16.45
N GLU A 139 -23.41 33.00 17.22
CA GLU A 139 -23.97 33.23 18.54
C GLU A 139 -23.33 32.38 19.65
N PRO A 140 -22.09 32.73 20.04
CA PRO A 140 -21.26 33.75 19.40
C PRO A 140 -20.36 33.09 18.38
N PRO A 141 -19.76 33.89 17.50
CA PRO A 141 -18.78 33.37 16.55
C PRO A 141 -17.65 32.63 17.26
N PHE A 142 -17.17 31.56 16.65
CA PHE A 142 -16.13 30.72 17.23
C PHE A 142 -14.94 31.50 17.77
N SER A 143 -14.43 32.45 16.97
CA SER A 143 -13.29 33.27 17.36
C SER A 143 -13.50 34.02 18.67
N LYS A 144 -14.74 34.29 19.04
CA LYS A 144 -15.02 35.04 20.28
C LYS A 144 -15.12 34.16 21.53
N LEU A 145 -14.81 32.86 21.40
CA LEU A 145 -14.80 31.98 22.56
C LEU A 145 -13.47 32.08 23.30
N LEU A 146 -13.49 31.85 24.60
CA LEU A 146 -12.26 31.83 25.37
C LEU A 146 -11.36 30.70 24.87
N LYS A 147 -10.05 30.95 24.87
CA LYS A 147 -9.08 29.99 24.36
C LYS A 147 -9.26 28.59 24.95
N ALA A 148 -9.52 28.50 26.25
CA ALA A 148 -9.74 27.20 26.87
C ALA A 148 -10.90 26.46 26.20
N GLN A 149 -11.92 27.21 25.79
CA GLN A 149 -13.09 26.63 25.14
C GLN A 149 -12.78 26.19 23.71
N GLN A 150 -12.08 27.04 22.95
CA GLN A 150 -11.75 26.67 21.59
C GLN A 150 -10.91 25.39 21.62
N ARG A 151 -10.08 25.25 22.65
CA ARG A 151 -9.17 24.12 22.75
C ARG A 151 -9.90 22.80 22.95
N LEU A 152 -10.95 22.84 23.79
CA LEU A 152 -11.79 21.68 24.01
C LEU A 152 -12.45 21.26 22.70
N VAL A 153 -12.84 22.23 21.88
CA VAL A 153 -13.47 21.91 20.60
C VAL A 153 -12.47 21.20 19.66
N TRP A 154 -11.24 21.70 19.66
CA TRP A 154 -10.13 21.04 18.98
C TRP A 154 -9.75 19.66 19.54
N ASP A 155 -9.75 19.51 20.87
CA ASP A 155 -9.56 18.21 21.55
C ASP A 155 -10.50 17.16 20.95
N ILE A 156 -11.79 17.48 20.97
CA ILE A 156 -12.84 16.59 20.49
C ILE A 156 -12.71 16.27 19.00
N THR A 157 -12.55 17.32 18.19
CA THR A 157 -12.35 17.19 16.74
C THR A 157 -11.21 16.24 16.46
N GLY A 158 -10.09 16.45 17.14
CA GLY A 158 -8.93 15.59 17.00
C GLY A 158 -9.24 14.13 17.29
N SER A 159 -9.90 13.87 18.42
CA SER A 159 -10.32 12.52 18.75
C SER A 159 -11.24 11.89 17.71
N LEU A 160 -12.22 12.64 17.25
CA LEU A 160 -13.15 12.16 16.23
C LEU A 160 -12.44 11.76 14.91
N LEU A 161 -11.58 12.64 14.41
CA LEU A 161 -10.85 12.41 13.16
C LEU A 161 -10.06 11.10 13.18
N VAL A 162 -9.33 10.88 14.27
CA VAL A 162 -8.60 9.64 14.49
C VAL A 162 -9.52 8.42 14.50
N LEU A 163 -10.59 8.50 15.30
CA LEU A 163 -11.54 7.40 15.37
C LEU A 163 -12.15 7.04 14.01
N ILE A 164 -12.61 8.06 13.29
CA ILE A 164 -13.21 7.85 11.98
C ILE A 164 -12.28 7.08 11.02
N GLY A 165 -11.00 7.42 11.02
CA GLY A 165 -10.00 6.77 10.17
C GLY A 165 -9.80 5.30 10.55
N LEU A 166 -9.63 5.06 11.85
CA LEU A 166 -9.45 3.71 12.37
C LEU A 166 -10.64 2.83 12.04
N LEU A 167 -11.85 3.33 12.28
CA LEU A 167 -13.08 2.60 11.98
C LEU A 167 -13.24 2.24 10.50
N ALA A 168 -13.02 3.21 9.62
CA ALA A 168 -13.07 2.95 8.17
C ALA A 168 -12.08 1.86 7.77
N LEU A 169 -10.88 1.92 8.33
CA LEU A 169 -9.81 0.98 7.98
C LEU A 169 -10.08 -0.44 8.54
N ALA A 170 -10.93 -0.55 9.54
CA ALA A 170 -11.20 -1.84 10.19
C ALA A 170 -11.94 -2.83 9.30
N ARG A 171 -13.02 -2.38 8.64
CA ARG A 171 -13.76 -3.25 7.72
C ARG A 171 -14.41 -2.43 6.62
N ASP A 172 -14.46 -2.99 5.41
CA ASP A 172 -15.11 -2.33 4.29
C ASP A 172 -16.55 -1.89 4.60
N GLU A 173 -17.30 -2.74 5.27
CA GLU A 173 -18.65 -2.42 5.70
C GLU A 173 -18.72 -1.12 6.55
N ILE A 174 -17.73 -0.94 7.43
CA ILE A 174 -17.71 0.24 8.31
C ILE A 174 -17.32 1.49 7.51
N HIS A 175 -16.35 1.32 6.61
CA HIS A 175 -15.98 2.36 5.65
C HIS A 175 -17.20 2.84 4.87
N GLU A 176 -17.98 1.93 4.30
CA GLU A 176 -19.19 2.34 3.59
C GLU A 176 -20.21 3.06 4.49
N ALA A 177 -20.41 2.58 5.72
CA ALA A 177 -21.32 3.25 6.65
C ALA A 177 -20.88 4.69 6.95
N VAL A 178 -19.57 4.89 7.08
CA VAL A 178 -19.04 6.21 7.38
C VAL A 178 -19.39 7.14 6.23
N ALA A 179 -19.19 6.66 5.02
CA ALA A 179 -19.47 7.44 3.81
C ALA A 179 -20.94 7.94 3.72
N THR A 180 -21.86 7.22 4.34
CA THR A 180 -23.26 7.62 4.38
C THR A 180 -23.55 8.71 5.43
N LYS A 181 -22.59 9.02 6.30
CA LYS A 181 -22.80 10.03 7.33
C LYS A 181 -22.44 11.40 6.80
N GLN A 182 -23.40 12.07 6.18
CA GLN A 182 -23.15 13.34 5.51
C GLN A 182 -22.53 14.41 6.43
N THR A 183 -22.87 14.36 7.71
CA THR A 183 -22.37 15.35 8.68
C THR A 183 -20.87 15.19 8.98
N ILE A 184 -20.39 13.95 9.02
CA ILE A 184 -18.95 13.71 9.09
C ILE A 184 -18.25 14.30 7.87
N LEU A 185 -18.77 14.02 6.68
CA LEU A 185 -18.18 14.58 5.46
C LEU A 185 -18.16 16.12 5.46
N ARG A 186 -19.26 16.75 5.87
CA ARG A 186 -19.35 18.20 5.95
C ARG A 186 -18.35 18.78 6.94
N LEU A 187 -18.16 18.15 8.09
CA LEU A 187 -17.15 18.63 9.03
C LEU A 187 -15.77 18.64 8.36
N LEU A 188 -15.44 17.54 7.69
CA LEU A 188 -14.15 17.46 6.97
C LEU A 188 -14.01 18.55 5.91
N PHE A 189 -15.06 18.76 5.12
CA PHE A 189 -15.03 19.75 4.05
C PHE A 189 -14.87 21.17 4.58
N ARG A 190 -15.54 21.44 5.69
CA ARG A 190 -15.45 22.74 6.37
C ARG A 190 -14.06 22.98 6.98
N LEU A 191 -13.51 21.96 7.63
CA LEU A 191 -12.17 22.08 8.22
C LEU A 191 -11.12 22.32 7.13
N ILE A 192 -11.32 21.69 5.97
CA ILE A 192 -10.38 21.83 4.88
C ILE A 192 -10.56 23.14 4.12
N SER A 193 -11.79 23.52 3.81
CA SER A 193 -12.03 24.72 2.99
C SER A 193 -11.94 26.06 3.75
N ALA A 194 -12.33 26.08 5.03
CA ALA A 194 -12.26 27.33 5.80
C ALA A 194 -10.83 27.65 6.17
N ASP A 195 -10.02 26.60 6.28
CA ASP A 195 -8.59 26.76 6.50
C ASP A 195 -8.30 27.67 7.72
N ILE A 196 -8.96 27.38 8.84
CA ILE A 196 -8.81 28.17 10.06
C ILE A 196 -8.57 27.32 11.32
N ALA A 197 -8.46 26.01 11.14
CA ALA A 197 -8.18 25.14 12.27
C ALA A 197 -6.67 25.13 12.49
N PRO A 198 -6.23 24.75 13.70
CA PRO A 198 -4.80 24.62 13.94
C PRO A 198 -4.18 23.65 12.93
N GLN A 199 -2.87 23.76 12.74
CA GLN A 199 -2.11 22.94 11.80
C GLN A 199 -2.32 21.43 11.95
N ASP A 200 -2.14 20.90 13.15
CA ASP A 200 -2.31 19.46 13.37
C ASP A 200 -3.72 18.97 13.04
N ILE A 201 -4.72 19.82 13.27
CA ILE A 201 -6.11 19.46 12.97
C ILE A 201 -6.32 19.44 11.45
N TYR A 202 -5.83 20.46 10.76
CA TYR A 202 -5.95 20.51 9.31
C TYR A 202 -5.29 19.29 8.68
N GLU A 203 -4.11 18.91 9.18
CA GLU A 203 -3.41 17.75 8.64
C GLU A 203 -4.15 16.44 8.89
N GLU A 204 -4.68 16.28 10.10
CA GLU A 204 -5.47 15.10 10.44
C GLU A 204 -6.77 15.02 9.63
N ALA A 205 -7.40 16.16 9.35
CA ALA A 205 -8.57 16.19 8.50
C ALA A 205 -8.22 15.75 7.07
N ILE A 206 -7.07 16.22 6.58
CA ILE A 206 -6.65 15.83 5.24
C ILE A 206 -6.41 14.30 5.19
N SER A 207 -5.69 13.81 6.18
CA SER A 207 -5.38 12.40 6.28
C SER A 207 -6.64 11.54 6.39
N CYS A 208 -7.59 11.96 7.25
CA CYS A 208 -8.88 11.27 7.39
C CYS A 208 -9.63 11.17 6.05
N LEU A 209 -9.76 12.30 5.36
CA LEU A 209 -10.43 12.33 4.07
C LEU A 209 -9.72 11.47 3.01
N THR A 210 -8.39 11.41 3.07
CA THR A 210 -7.63 10.53 2.20
C THR A 210 -8.05 9.10 2.45
N THR A 211 -8.12 8.71 3.73
CA THR A 211 -8.55 7.38 4.07
C THR A 211 -9.97 7.09 3.55
N LEU A 212 -10.88 8.04 3.73
CA LEU A 212 -12.29 7.84 3.36
C LEU A 212 -12.50 7.83 1.84
N SER A 213 -11.65 8.55 1.12
CA SER A 213 -11.81 8.63 -0.33
C SER A 213 -11.16 7.46 -1.10
N GLU A 214 -10.42 6.60 -0.42
CA GLU A 214 -9.78 5.47 -1.11
C GLU A 214 -10.80 4.40 -1.53
N ASP A 215 -10.87 4.11 -2.83
CA ASP A 215 -11.84 3.14 -3.36
C ASP A 215 -13.25 3.36 -2.77
N ASN A 216 -13.71 4.60 -2.83
CA ASN A 216 -15.05 4.87 -2.35
C ASN A 216 -15.78 5.87 -3.21
N LEU A 217 -16.74 5.34 -3.96
CA LEU A 217 -17.54 6.11 -4.89
C LEU A 217 -18.32 7.24 -4.21
N LYS A 218 -19.03 6.89 -3.13
CA LYS A 218 -19.89 7.86 -2.44
C LYS A 218 -19.10 9.05 -1.93
N VAL A 219 -17.92 8.79 -1.37
CA VAL A 219 -17.05 9.86 -0.90
C VAL A 219 -16.53 10.71 -2.04
N GLY A 220 -16.13 10.04 -3.13
CA GLY A 220 -15.68 10.75 -4.32
C GLY A 220 -16.73 11.71 -4.84
N GLN A 221 -17.97 11.23 -4.86
CA GLN A 221 -19.09 12.03 -5.32
C GLN A 221 -19.37 13.20 -4.38
N ALA A 222 -19.34 12.94 -3.08
CA ALA A 222 -19.60 14.00 -2.11
C ALA A 222 -18.58 15.13 -2.27
N ILE A 223 -17.33 14.77 -2.53
CA ILE A 223 -16.28 15.77 -2.74
C ILE A 223 -16.53 16.60 -4.01
N THR A 224 -16.83 15.92 -5.13
CA THR A 224 -16.98 16.63 -6.41
C THR A 224 -18.32 17.38 -6.55
N ASP A 225 -19.33 16.95 -5.80
CA ASP A 225 -20.66 17.55 -5.81
C ASP A 225 -20.89 18.57 -4.67
N ASP A 226 -19.85 18.84 -3.88
CA ASP A 226 -19.97 19.77 -2.75
C ASP A 226 -20.02 21.23 -3.17
N GLN A 227 -21.21 21.80 -3.17
CA GLN A 227 -21.35 23.21 -3.53
C GLN A 227 -21.58 24.11 -2.32
N GLU A 228 -21.54 23.53 -1.13
CA GLU A 228 -21.60 24.33 0.10
C GLU A 228 -20.22 24.93 0.39
N THR A 229 -19.19 24.09 0.34
CA THR A 229 -17.84 24.56 0.62
C THR A 229 -16.91 24.46 -0.59
N HIS A 230 -17.42 23.92 -1.69
CA HIS A 230 -16.60 23.72 -2.88
C HIS A 230 -15.26 23.09 -2.54
N VAL A 231 -15.28 22.00 -1.78
CA VAL A 231 -14.01 21.42 -1.31
C VAL A 231 -13.13 20.90 -2.46
N TYR A 232 -13.75 20.44 -3.53
CA TYR A 232 -12.99 19.97 -4.69
C TYR A 232 -12.14 21.07 -5.34
N ASP A 233 -12.72 22.26 -5.52
CA ASP A 233 -11.98 23.41 -6.06
C ASP A 233 -10.89 23.89 -5.11
N VAL A 234 -11.19 23.88 -3.82
CA VAL A 234 -10.20 24.26 -2.83
C VAL A 234 -9.01 23.30 -2.96
N LEU A 235 -9.32 22.01 -2.99
CA LEU A 235 -8.28 20.99 -3.10
C LEU A 235 -7.49 21.12 -4.40
N LEU A 236 -8.21 21.32 -5.51
CA LEU A 236 -7.58 21.39 -6.83
C LEU A 236 -6.60 22.56 -6.92
N LYS A 237 -6.95 23.70 -6.33
CA LYS A 237 -6.06 24.87 -6.36
C LYS A 237 -4.79 24.60 -5.59
N LEU A 238 -4.95 23.94 -4.45
CA LEU A 238 -3.83 23.65 -3.56
C LEU A 238 -2.89 22.61 -4.15
N ALA A 239 -3.47 21.59 -4.78
CA ALA A 239 -2.70 20.49 -5.33
C ALA A 239 -1.81 21.00 -6.44
N THR A 240 -2.30 22.02 -7.14
CA THR A 240 -1.70 22.49 -8.38
C THR A 240 -0.69 23.63 -8.19
N GLY A 241 -0.74 24.29 -7.04
CA GLY A 241 0.08 25.46 -6.80
C GLY A 241 1.33 25.20 -5.97
N THR A 242 1.73 26.20 -5.19
CA THR A 242 3.00 26.19 -4.48
C THR A 242 2.90 26.11 -2.95
N ASP A 243 1.69 26.02 -2.42
CA ASP A 243 1.51 25.84 -0.98
C ASP A 243 2.21 24.56 -0.57
N PRO A 244 2.88 24.57 0.61
CA PRO A 244 3.62 23.38 1.02
C PRO A 244 2.71 22.19 1.30
N ARG A 245 1.40 22.39 1.22
CA ARG A 245 0.44 21.30 1.47
C ARG A 245 -0.10 20.76 0.14
N ALA A 246 0.55 21.14 -0.95
CA ALA A 246 0.20 20.69 -2.29
C ALA A 246 0.09 19.16 -2.37
N VAL A 247 1.12 18.46 -1.89
CA VAL A 247 1.14 16.99 -1.93
C VAL A 247 -0.02 16.33 -1.15
N MET A 248 -0.38 16.89 0.01
CA MET A 248 -1.54 16.40 0.76
C MET A 248 -2.82 16.41 -0.06
N ALA A 249 -3.08 17.54 -0.71
CA ALA A 249 -4.22 17.69 -1.58
C ALA A 249 -4.18 16.65 -2.70
N CYS A 250 -2.98 16.40 -3.22
CA CYS A 250 -2.77 15.42 -4.29
C CYS A 250 -3.19 14.03 -3.88
N GLY A 251 -2.86 13.66 -2.65
CA GLY A 251 -3.27 12.39 -2.06
C GLY A 251 -4.79 12.22 -2.09
N VAL A 252 -5.54 13.25 -1.68
CA VAL A 252 -7.00 13.17 -1.71
C VAL A 252 -7.52 13.11 -3.15
N LEU A 253 -7.04 14.02 -4.00
CA LEU A 253 -7.50 14.07 -5.39
C LEU A 253 -7.18 12.78 -6.18
N HIS A 254 -6.01 12.18 -5.97
CA HIS A 254 -5.76 10.90 -6.62
C HIS A 254 -6.77 9.84 -6.23
N ASN A 255 -7.07 9.75 -4.93
CA ASN A 255 -8.04 8.78 -4.45
C ASN A 255 -9.41 8.94 -5.10
N VAL A 256 -9.90 10.18 -5.19
CA VAL A 256 -11.16 10.41 -5.87
C VAL A 256 -11.14 10.15 -7.40
N PHE A 257 -10.04 10.49 -8.06
CA PHE A 257 -9.89 10.18 -9.50
C PHE A 257 -10.04 8.69 -9.76
N THR A 258 -9.43 7.85 -8.91
CA THR A 258 -9.51 6.40 -9.08
C THR A 258 -10.89 5.87 -8.75
N SER A 259 -11.47 6.38 -7.66
CA SER A 259 -12.81 6.01 -7.23
C SER A 259 -13.85 6.31 -8.29
N LEU A 260 -13.78 7.51 -8.86
CA LEU A 260 -14.75 7.96 -9.86
C LEU A 260 -14.39 7.52 -11.27
N GLN A 261 -13.21 6.95 -11.44
CA GLN A 261 -12.71 6.59 -12.76
C GLN A 261 -12.57 7.83 -13.65
N TRP A 262 -12.04 8.91 -13.07
CA TRP A 262 -11.62 10.06 -13.85
C TRP A 262 -10.20 9.78 -14.28
N MET A 263 -10.05 9.32 -15.52
CA MET A 263 -8.77 8.82 -16.04
C MET A 263 -8.51 9.26 -17.50
N ASP A 264 -7.33 8.91 -18.01
CA ASP A 264 -6.93 9.28 -19.37
C ASP A 264 -8.02 8.98 -20.39
N HIS A 265 -8.56 7.77 -20.33
CA HIS A 265 -9.59 7.31 -21.26
C HIS A 265 -11.00 7.86 -20.98
N SER A 266 -11.21 8.46 -19.81
CA SER A 266 -12.47 9.12 -19.50
C SER A 266 -12.24 10.22 -18.46
N PRO A 267 -11.62 11.32 -18.92
CA PRO A 267 -11.25 12.45 -18.06
C PRO A 267 -12.42 12.94 -17.22
N GLY A 268 -12.15 13.67 -16.15
CA GLY A 268 -13.19 14.18 -15.28
C GLY A 268 -13.45 15.64 -15.58
N LYS A 269 -14.02 16.36 -14.63
CA LYS A 269 -14.30 17.78 -14.83
C LYS A 269 -13.07 18.49 -15.38
N ASP A 270 -13.21 19.11 -16.54
CA ASP A 270 -12.13 19.87 -17.16
C ASP A 270 -10.89 19.02 -17.48
N GLY A 271 -11.11 17.77 -17.85
CA GLY A 271 -10.03 16.86 -18.20
C GLY A 271 -9.26 16.29 -17.02
N ALA A 272 -9.81 16.39 -15.81
CA ALA A 272 -9.12 15.92 -14.60
C ALA A 272 -8.71 14.45 -14.64
N CYS A 273 -7.44 14.18 -14.33
CA CYS A 273 -6.95 12.82 -14.12
C CYS A 273 -5.59 12.85 -13.44
N ASP A 274 -5.04 11.68 -13.14
CA ASP A 274 -3.75 11.57 -12.45
C ASP A 274 -2.63 12.40 -13.06
N ALA A 275 -2.64 12.55 -14.39
CA ALA A 275 -1.59 13.31 -15.07
C ALA A 275 -1.44 14.72 -14.54
N ILE A 276 -2.54 15.36 -14.19
CA ILE A 276 -2.47 16.73 -13.71
C ILE A 276 -1.80 16.84 -12.33
N LEU A 277 -1.57 15.72 -11.66
CA LEU A 277 -0.97 15.74 -10.31
C LEU A 277 0.51 15.41 -10.32
N ILE A 278 0.96 14.70 -11.35
CA ILE A 278 2.34 14.20 -11.41
C ILE A 278 3.41 15.28 -11.28
N PRO A 279 3.22 16.42 -11.95
CA PRO A 279 4.19 17.52 -11.76
C PRO A 279 4.44 17.85 -10.28
N THR A 280 3.36 18.06 -9.52
CA THR A 280 3.49 18.45 -8.11
C THR A 280 4.26 17.40 -7.34
N LEU A 281 3.87 16.15 -7.53
CA LEU A 281 4.52 15.03 -6.86
C LEU A 281 6.00 14.90 -7.23
N THR A 282 6.32 15.05 -8.52
CA THR A 282 7.72 14.93 -8.94
C THR A 282 8.53 16.09 -8.38
N ARG A 283 7.96 17.30 -8.43
CA ARG A 283 8.57 18.46 -7.80
C ARG A 283 8.99 18.19 -6.36
N ALA A 284 8.16 17.47 -5.61
CA ALA A 284 8.48 17.17 -4.22
C ALA A 284 9.73 16.32 -4.10
N LEU A 285 10.03 15.53 -5.13
CA LEU A 285 11.16 14.61 -5.06
C LEU A 285 12.52 15.28 -5.32
N GLU A 286 12.53 16.36 -6.09
CA GLU A 286 13.77 17.07 -6.37
C GLU A 286 14.37 17.75 -5.14
N HIS A 287 13.56 17.91 -4.09
CA HIS A 287 14.04 18.56 -2.88
C HIS A 287 14.78 17.58 -1.96
N VAL A 288 14.72 16.30 -2.32
CA VAL A 288 15.41 15.27 -1.56
C VAL A 288 16.83 15.14 -2.11
N VAL A 289 17.81 15.22 -1.23
CA VAL A 289 19.20 15.06 -1.65
C VAL A 289 19.98 14.23 -0.63
N PRO A 290 21.15 13.71 -1.04
CA PRO A 290 21.96 12.99 -0.07
C PRO A 290 22.50 13.99 0.95
N GLY A 291 22.10 13.84 2.20
CA GLY A 291 22.43 14.79 3.23
C GLY A 291 21.20 15.21 4.03
N GLY A 292 20.39 16.08 3.45
CA GLY A 292 19.22 16.60 4.15
C GLY A 292 17.90 15.97 3.75
N ALA A 293 17.24 15.31 4.71
CA ALA A 293 15.94 14.70 4.50
C ALA A 293 14.88 15.26 5.46
N LYS A 294 15.18 15.26 6.75
CA LYS A 294 14.29 15.85 7.75
C LYS A 294 15.07 16.78 8.67
N PHE A 295 14.49 17.94 8.97
CA PHE A 295 15.16 18.89 9.84
C PHE A 295 14.24 19.33 10.97
N ASN A 296 14.78 20.03 11.97
CA ASN A 296 13.92 20.67 12.98
C ASN A 296 13.51 22.05 12.50
N GLY A 297 14.47 22.74 11.87
CA GLY A 297 14.19 23.98 11.17
C GLY A 297 13.22 23.79 10.01
N ASP A 298 13.25 22.53 9.50
CA ASP A 298 12.49 22.03 8.36
C ASP A 298 11.73 20.73 8.70
N ALA A 299 10.85 20.81 9.67
CA ALA A 299 10.22 19.61 10.17
C ALA A 299 9.22 18.98 9.19
N ARG A 300 9.33 17.68 9.05
CA ARG A 300 8.33 16.90 8.36
C ARG A 300 8.09 17.51 6.99
N TYR A 301 9.11 18.08 6.41
CA TYR A 301 9.01 18.34 5.00
C TYR A 301 9.32 16.96 4.62
N ALA A 302 10.09 16.37 5.51
CA ALA A 302 10.22 14.99 5.41
C ALA A 302 8.82 14.46 5.14
N ASN A 303 7.70 15.22 5.36
CA ASN A 303 6.25 14.72 5.39
C ASN A 303 5.63 14.62 4.02
N ILE A 304 5.97 15.62 3.20
CA ILE A 304 5.66 15.76 1.78
C ILE A 304 6.36 14.69 0.94
N THR A 305 7.65 14.46 1.24
CA THR A 305 8.48 13.50 0.52
C THR A 305 7.86 12.11 0.51
N LEU A 306 7.54 11.55 1.66
CA LEU A 306 6.98 10.20 1.69
C LEU A 306 5.55 10.13 1.18
N LEU A 307 4.75 11.16 1.46
CA LEU A 307 3.39 11.19 0.92
C LEU A 307 3.42 11.19 -0.62
N ALA A 308 4.36 11.93 -1.18
CA ALA A 308 4.50 12.02 -2.64
C ALA A 308 4.80 10.65 -3.22
N LEU A 309 5.72 9.94 -2.57
CA LEU A 309 6.13 8.63 -3.01
C LEU A 309 4.99 7.62 -2.86
N VAL A 310 4.25 7.70 -1.76
CA VAL A 310 3.12 6.80 -1.54
C VAL A 310 2.06 7.01 -2.61
N THR A 311 1.74 8.27 -2.88
CA THR A 311 0.81 8.62 -3.96
C THR A 311 1.32 8.13 -5.33
N LEU A 312 2.59 8.36 -5.63
CA LEU A 312 3.15 7.89 -6.90
C LEU A 312 3.01 6.39 -7.07
N ALA A 313 3.24 5.64 -5.99
CA ALA A 313 3.08 4.19 -6.03
C ALA A 313 1.64 3.74 -6.31
N SER A 314 0.68 4.46 -5.74
CA SER A 314 -0.74 4.22 -5.95
C SER A 314 -1.16 4.55 -7.40
N ILE A 315 -0.64 5.65 -7.94
CA ILE A 315 -0.84 5.96 -9.36
C ILE A 315 -0.27 4.87 -10.30
N GLY A 316 0.91 4.36 -9.96
CA GLY A 316 1.56 3.29 -10.71
C GLY A 316 0.72 2.02 -10.80
N THR A 317 -0.07 1.75 -9.77
CA THR A 317 -0.99 0.63 -9.77
C THR A 317 -2.28 0.96 -10.53
N ASP A 318 -2.94 2.04 -10.09
CA ASP A 318 -4.23 2.48 -10.63
C ASP A 318 -4.29 2.76 -12.15
N PHE A 319 -3.17 3.17 -12.74
CA PHE A 319 -3.21 3.63 -14.13
C PHE A 319 -3.29 2.46 -15.11
N GLN A 320 -3.25 1.25 -14.57
CA GLN A 320 -3.48 0.03 -15.34
C GLN A 320 -4.73 0.12 -16.22
N GLU A 321 -5.80 0.67 -15.65
CA GLU A 321 -7.06 0.83 -16.39
C GLU A 321 -6.96 1.67 -17.67
N THR A 322 -6.15 2.72 -17.66
CA THR A 322 -5.99 3.52 -18.87
C THR A 322 -5.30 2.72 -19.98
N LEU A 323 -4.39 1.83 -19.58
CA LEU A 323 -3.60 1.08 -20.55
C LEU A 323 -4.49 0.10 -21.29
N VAL A 324 -5.54 -0.36 -20.60
CA VAL A 324 -6.42 -1.39 -21.12
C VAL A 324 -7.58 -0.85 -21.98
N LYS A 325 -7.95 0.34 -21.66
CA LYS A 325 -9.25 0.90 -22.05
C LYS A 325 -9.14 2.16 -22.91
N LEU A 408 2.22 8.93 -27.26
CA LEU A 408 1.38 8.74 -26.06
C LEU A 408 0.50 9.95 -25.81
N GLU A 409 -0.13 10.47 -26.87
CA GLU A 409 -0.93 11.68 -26.76
C GLU A 409 -2.22 11.43 -25.99
N ASP A 410 -2.73 10.19 -26.08
CA ASP A 410 -3.93 9.81 -25.37
C ASP A 410 -3.62 9.16 -24.03
N LEU A 411 -2.35 9.08 -23.68
CA LEU A 411 -1.93 8.51 -22.39
C LEU A 411 -1.00 9.42 -21.59
N PRO A 412 -1.49 10.59 -21.20
CA PRO A 412 -0.72 11.62 -20.49
C PRO A 412 -0.13 11.13 -19.15
N THR A 413 -0.81 10.20 -18.49
CA THR A 413 -0.36 9.75 -17.16
C THR A 413 0.88 8.86 -17.31
N LEU A 414 0.74 7.85 -18.16
CA LEU A 414 1.88 7.05 -18.57
C LEU A 414 3.00 7.97 -19.05
N ARG A 415 2.66 8.94 -19.88
CA ARG A 415 3.66 9.85 -20.41
C ARG A 415 4.38 10.62 -19.33
N GLU A 416 3.64 11.15 -18.34
CA GLU A 416 4.23 11.87 -17.22
C GLU A 416 5.03 10.95 -16.32
N LEU A 417 4.54 9.73 -16.12
CA LEU A 417 5.27 8.77 -15.29
C LEU A 417 6.65 8.49 -15.87
N ILE A 418 6.71 8.28 -17.19
CA ILE A 418 7.99 7.95 -17.84
C ILE A 418 8.95 9.14 -17.90
N GLN A 419 8.44 10.29 -18.31
CA GLN A 419 9.30 11.45 -18.56
C GLN A 419 9.68 12.26 -17.33
N THR A 420 8.77 12.34 -16.37
CA THR A 420 8.94 13.20 -15.21
C THR A 420 9.22 12.41 -13.92
N ALA A 421 8.29 11.52 -13.56
CA ALA A 421 8.40 10.79 -12.29
C ALA A 421 9.55 9.76 -12.20
N VAL A 422 9.61 8.82 -13.15
CA VAL A 422 10.59 7.72 -13.07
C VAL A 422 12.05 8.18 -12.92
N PRO A 423 12.45 9.23 -13.65
CA PRO A 423 13.84 9.67 -13.47
C PRO A 423 14.19 10.01 -12.01
N GLN A 424 13.30 10.72 -11.31
CA GLN A 424 13.46 11.00 -9.90
C GLN A 424 13.39 9.76 -9.01
N LEU A 425 12.51 8.82 -9.37
CA LEU A 425 12.41 7.58 -8.61
C LEU A 425 13.69 6.79 -8.69
N ILE A 426 14.25 6.70 -9.89
CA ILE A 426 15.56 6.09 -10.08
C ILE A 426 16.61 6.79 -9.23
N ARG A 427 16.68 8.11 -9.36
CA ARG A 427 17.64 8.88 -8.61
C ARG A 427 17.58 8.58 -7.11
N LEU A 428 16.38 8.59 -6.53
CA LEU A 428 16.12 8.28 -5.12
C LEU A 428 16.32 6.85 -4.72
N SER A 429 16.09 5.94 -5.63
CA SER A 429 16.28 4.53 -5.34
C SER A 429 17.73 4.18 -5.05
N ASN A 430 18.64 4.98 -5.55
CA ASN A 430 20.04 4.69 -5.41
C ASN A 430 20.83 5.72 -4.66
N LEU A 431 20.22 6.34 -3.66
CA LEU A 431 20.91 7.36 -2.90
C LEU A 431 21.79 6.70 -1.86
N PRO A 432 22.92 7.36 -1.52
CA PRO A 432 23.76 6.86 -0.43
C PRO A 432 22.94 6.86 0.87
N ILE A 433 22.97 5.75 1.59
CA ILE A 433 22.27 5.67 2.87
C ILE A 433 23.11 6.24 4.00
N ASP A 434 22.55 7.22 4.70
CA ASP A 434 23.28 7.92 5.75
C ASP A 434 22.38 8.12 6.97
N SER A 435 21.24 7.42 6.97
CA SER A 435 20.27 7.51 8.05
C SER A 435 19.16 6.47 7.89
N ASP A 436 18.17 6.54 8.75
CA ASP A 436 16.99 5.68 8.60
C ASP A 436 16.04 6.32 7.60
N GLU A 437 16.01 7.64 7.58
CA GLU A 437 15.20 8.38 6.62
C GLU A 437 15.57 8.02 5.18
N SER A 438 16.86 7.97 4.87
CA SER A 438 17.29 7.65 3.52
C SER A 438 16.95 6.22 3.12
N LEU A 439 16.86 5.33 4.10
CA LEU A 439 16.52 3.95 3.84
C LEU A 439 15.02 3.84 3.60
N THR A 440 14.25 4.59 4.39
CA THR A 440 12.81 4.62 4.20
C THR A 440 12.47 5.20 2.84
N ILE A 441 13.16 6.27 2.47
CA ILE A 441 13.01 6.90 1.17
C ILE A 441 13.40 5.95 0.02
N GLN A 442 14.52 5.23 0.15
CA GLN A 442 14.89 4.25 -0.89
C GLN A 442 13.79 3.19 -1.06
N SER A 443 13.28 2.70 0.06
CA SER A 443 12.21 1.72 0.05
C SER A 443 10.92 2.23 -0.61
N HIS A 444 10.54 3.47 -0.31
CA HIS A 444 9.35 4.04 -0.91
C HIS A 444 9.51 4.30 -2.42
N ALA A 445 10.73 4.64 -2.84
CA ALA A 445 11.04 4.85 -4.26
C ALA A 445 11.01 3.54 -5.05
N LEU A 446 11.56 2.47 -4.48
CA LEU A 446 11.51 1.16 -5.11
C LEU A 446 10.06 0.68 -5.29
N SER A 447 9.27 0.92 -4.24
CA SER A 447 7.86 0.58 -4.22
C SER A 447 7.12 1.23 -5.38
N ALA A 448 7.29 2.54 -5.54
CA ALA A 448 6.67 3.22 -6.68
C ALA A 448 7.20 2.72 -8.03
N LEU A 449 8.51 2.53 -8.16
CA LEU A 449 9.09 2.00 -9.39
C LEU A 449 8.47 0.66 -9.75
N ASN A 450 8.32 -0.17 -8.72
CA ASN A 450 7.83 -1.53 -8.85
C ASN A 450 6.40 -1.55 -9.37
N ASN A 451 5.54 -0.75 -8.74
CA ASN A 451 4.17 -0.63 -9.17
C ASN A 451 4.06 -0.15 -10.61
N ILE A 452 4.75 0.93 -10.94
CA ILE A 452 4.77 1.41 -12.32
C ILE A 452 5.25 0.31 -13.30
N SER A 453 6.39 -0.29 -12.99
CA SER A 453 6.98 -1.30 -13.87
C SER A 453 6.12 -2.56 -14.03
N TRP A 454 5.47 -3.00 -12.94
CA TRP A 454 4.61 -4.19 -13.00
C TRP A 454 3.38 -3.95 -13.86
N THR A 455 2.79 -2.78 -13.75
CA THR A 455 1.62 -2.41 -14.54
C THR A 455 1.92 -2.49 -16.04
N ILE A 456 3.06 -1.94 -16.45
CA ILE A 456 3.42 -1.97 -17.87
C ILE A 456 3.71 -3.40 -18.36
N SER A 457 4.37 -4.20 -17.54
CA SER A 457 4.79 -5.52 -17.97
C SER A 457 3.65 -6.52 -18.05
N CYS A 458 2.50 -6.15 -17.49
CA CYS A 458 1.35 -7.04 -17.59
C CYS A 458 0.64 -6.88 -18.93
N LEU A 459 1.10 -5.95 -19.77
CA LEU A 459 0.53 -5.81 -21.12
C LEU A 459 1.04 -6.88 -22.10
N GLU A 460 0.19 -7.24 -23.06
CA GLU A 460 0.56 -8.17 -24.14
C GLU A 460 1.32 -7.44 -25.25
N PHE A 461 2.55 -7.84 -25.51
CA PHE A 461 3.37 -7.18 -26.51
C PHE A 461 3.67 -7.99 -27.78
N ALA A 462 3.71 -9.31 -27.66
CA ALA A 462 4.02 -10.15 -28.81
C ALA A 462 2.91 -10.01 -29.87
N ASN A 463 3.26 -10.05 -31.15
CA ASN A 463 2.32 -9.79 -32.23
C ASN A 463 2.10 -8.28 -32.36
N GLY A 464 3.05 -7.49 -31.90
CA GLY A 464 3.02 -6.06 -32.12
C GLY A 464 1.85 -5.36 -31.49
N GLU A 465 1.39 -5.92 -30.39
CA GLU A 465 0.32 -5.28 -29.66
C GLU A 465 0.86 -4.29 -28.62
N ASN A 466 0.16 -3.18 -28.42
CA ASN A 466 0.60 -2.13 -27.48
C ASN A 466 1.98 -1.63 -27.84
N ALA A 467 2.32 -1.78 -29.11
CA ALA A 467 3.62 -1.39 -29.61
C ALA A 467 4.05 0.00 -29.15
N ASN A 468 3.12 0.95 -29.11
CA ASN A 468 3.48 2.31 -28.72
C ASN A 468 4.03 2.38 -27.29
N ILE A 469 3.37 1.67 -26.39
CA ILE A 469 3.76 1.65 -24.98
C ILE A 469 5.12 0.97 -24.82
N HIS A 470 5.26 -0.20 -25.44
CA HIS A 470 6.52 -0.93 -25.44
C HIS A 470 7.70 -0.06 -25.86
N ASN A 471 7.57 0.61 -26.99
CA ASN A 471 8.62 1.49 -27.48
C ASN A 471 8.92 2.65 -26.52
N ALA A 472 7.87 3.25 -25.95
CA ALA A 472 8.06 4.37 -25.03
C ALA A 472 8.76 3.97 -23.73
N TRP A 473 8.61 2.71 -23.35
CA TRP A 473 9.08 2.19 -22.05
C TRP A 473 10.45 1.51 -22.11
N TYR A 474 10.65 0.73 -23.18
CA TYR A 474 11.81 -0.16 -23.30
C TYR A 474 13.13 0.42 -22.79
N PRO A 475 13.53 1.61 -23.27
CA PRO A 475 14.80 2.17 -22.81
C PRO A 475 14.81 2.59 -21.34
N THR A 476 13.65 2.95 -20.79
CA THR A 476 13.59 3.22 -19.38
C THR A 476 13.73 1.91 -18.62
N ALA A 477 13.10 0.86 -19.13
CA ALA A 477 13.30 -0.45 -18.52
C ALA A 477 14.79 -0.77 -18.42
N LYS A 478 15.53 -0.62 -19.51
CA LYS A 478 16.97 -0.91 -19.47
C LYS A 478 17.72 -0.03 -18.46
N LYS A 479 17.36 1.24 -18.37
CA LYS A 479 18.02 2.16 -17.42
C LYS A 479 17.81 1.75 -15.95
N ILE A 480 16.59 1.36 -15.61
CA ILE A 480 16.30 0.86 -14.26
C ILE A 480 17.15 -0.35 -13.97
N TRP A 481 17.22 -1.27 -14.93
CA TRP A 481 18.05 -2.45 -14.74
C TRP A 481 19.47 -2.04 -14.34
N ARG A 482 20.07 -1.18 -15.18
CA ARG A 482 21.46 -0.74 -14.97
C ARG A 482 21.69 0.21 -13.80
N LYS A 483 20.77 1.15 -13.56
CA LYS A 483 20.98 2.19 -12.54
C LYS A 483 20.40 1.86 -11.15
N THR A 484 19.45 0.95 -11.09
CA THR A 484 18.83 0.65 -9.80
C THR A 484 19.13 -0.76 -9.35
N ILE A 485 18.77 -1.72 -10.20
CA ILE A 485 18.82 -3.13 -9.85
C ILE A 485 20.25 -3.61 -9.61
N LEU A 486 21.13 -3.37 -10.58
CA LEU A 486 22.50 -3.86 -10.54
C LEU A 486 23.31 -3.29 -9.37
N PRO A 487 23.22 -2.01 -9.14
CA PRO A 487 23.94 -1.42 -8.03
C PRO A 487 23.46 -1.96 -6.70
N ILE A 488 22.18 -2.14 -6.49
CA ILE A 488 21.69 -2.73 -5.24
C ILE A 488 22.14 -4.16 -5.05
N LEU A 489 22.13 -4.90 -6.13
CA LEU A 489 22.55 -6.28 -6.16
C LEU A 489 23.96 -6.39 -5.82
N GLU A 490 24.79 -5.52 -6.35
CA GLU A 490 26.16 -5.46 -5.92
C GLU A 490 26.03 -4.66 -4.66
N ALA A 491 26.64 -5.16 -3.63
CA ALA A 491 26.34 -4.81 -2.26
C ALA A 491 25.47 -5.87 -1.63
N ASP A 492 26.09 -6.79 -0.90
CA ASP A 492 25.40 -7.97 -0.41
C ASP A 492 24.64 -7.69 0.86
N SER A 493 23.70 -6.79 0.76
CA SER A 493 22.77 -6.35 1.79
C SER A 493 22.05 -7.58 2.26
N ALA A 494 21.89 -7.72 3.58
CA ALA A 494 21.31 -8.94 4.13
C ALA A 494 19.82 -8.74 4.32
N ASP A 495 19.38 -7.50 4.23
CA ASP A 495 17.97 -7.19 4.42
C ASP A 495 17.11 -7.91 3.40
N LEU A 496 16.20 -8.75 3.87
CA LEU A 496 15.31 -9.50 2.98
C LEU A 496 14.21 -8.61 2.42
N LYS A 497 13.80 -7.62 3.20
CA LYS A 497 12.79 -6.67 2.74
C LYS A 497 13.25 -6.00 1.46
N LEU A 498 14.48 -5.47 1.47
CA LEU A 498 15.08 -4.81 0.31
C LEU A 498 15.37 -5.77 -0.84
N ALA A 499 15.86 -6.97 -0.52
CA ALA A 499 16.07 -8.01 -1.52
C ALA A 499 14.76 -8.36 -2.21
N THR A 500 13.69 -8.40 -1.43
CA THR A 500 12.38 -8.74 -1.96
C THR A 500 11.90 -7.68 -2.95
N GLN A 501 12.14 -6.41 -2.61
CA GLN A 501 11.73 -5.29 -3.42
C GLN A 501 12.54 -5.20 -4.73
N VAL A 502 13.85 -5.40 -4.63
CA VAL A 502 14.69 -5.31 -5.80
C VAL A 502 14.37 -6.46 -6.73
N THR A 503 14.13 -7.64 -6.16
CA THR A 503 13.85 -8.82 -6.96
C THR A 503 12.50 -8.64 -7.66
N SER A 504 11.52 -8.11 -6.93
CA SER A 504 10.22 -7.83 -7.52
C SER A 504 10.29 -6.85 -8.72
N LEU A 505 11.03 -5.76 -8.54
CA LEU A 505 11.28 -4.79 -9.61
C LEU A 505 12.02 -5.45 -10.78
N ALA A 506 13.08 -6.18 -10.48
CA ALA A 506 13.85 -6.86 -11.51
C ALA A 506 13.00 -7.80 -12.35
N TRP A 507 12.07 -8.49 -11.70
CA TRP A 507 11.19 -9.42 -12.39
C TRP A 507 10.32 -8.64 -13.35
N ALA A 508 9.79 -7.53 -12.86
CA ALA A 508 8.94 -6.65 -13.67
C ALA A 508 9.69 -6.17 -14.92
N VAL A 509 10.95 -5.80 -14.73
CA VAL A 509 11.76 -5.28 -15.83
C VAL A 509 12.17 -6.40 -16.78
N ALA A 510 12.67 -7.49 -16.21
CA ALA A 510 13.11 -8.63 -17.03
C ALA A 510 11.98 -9.22 -17.89
N ARG A 511 10.73 -8.99 -17.48
CA ARG A 511 9.57 -9.47 -18.25
C ARG A 511 9.40 -8.71 -19.56
N VAL A 512 9.92 -7.50 -19.61
CA VAL A 512 9.91 -6.68 -20.80
C VAL A 512 11.16 -6.93 -21.66
N LEU A 513 12.31 -6.98 -21.01
CA LEU A 513 13.59 -7.19 -21.68
C LEU A 513 13.83 -8.60 -22.21
N HIS A 514 13.46 -9.60 -21.43
CA HIS A 514 13.69 -10.99 -21.72
C HIS A 514 15.14 -11.34 -22.02
N GLY A 515 15.44 -11.81 -23.22
CA GLY A 515 16.78 -12.25 -23.56
C GLY A 515 17.72 -11.11 -23.81
N GLU A 516 17.19 -9.91 -23.94
CA GLU A 516 18.00 -8.71 -24.08
C GLU A 516 18.43 -8.13 -22.74
N THR A 517 17.99 -8.70 -21.62
CA THR A 517 18.43 -8.22 -20.29
C THR A 517 19.96 -8.27 -20.20
N PRO A 518 20.62 -7.17 -19.75
CA PRO A 518 22.09 -7.19 -19.65
C PRO A 518 22.59 -8.37 -18.82
N THR A 519 23.75 -8.89 -19.20
CA THR A 519 24.34 -10.05 -18.54
C THR A 519 25.44 -9.57 -17.66
N ASP A 520 25.72 -8.28 -17.80
CA ASP A 520 26.69 -7.60 -16.95
C ASP A 520 26.54 -7.98 -15.47
N GLY A 521 27.60 -8.54 -14.89
CA GLY A 521 27.61 -8.91 -13.48
C GLY A 521 26.92 -10.23 -13.16
N ASN A 522 26.51 -10.99 -14.18
CA ASN A 522 25.86 -12.29 -13.98
C ASN A 522 24.74 -12.23 -12.93
N PRO A 523 23.74 -11.37 -13.17
CA PRO A 523 22.64 -11.18 -12.21
C PRO A 523 21.90 -12.48 -11.85
N HIS A 524 21.76 -13.38 -12.82
CA HIS A 524 21.03 -14.62 -12.56
C HIS A 524 21.63 -15.39 -11.39
N ARG A 525 22.97 -15.38 -11.27
CA ARG A 525 23.66 -16.07 -10.17
C ARG A 525 23.34 -15.50 -8.81
N LYS A 526 23.22 -14.18 -8.74
CA LYS A 526 22.87 -13.51 -7.49
C LYS A 526 21.43 -13.81 -7.06
N PHE A 527 20.53 -13.89 -8.02
CA PHE A 527 19.12 -14.19 -7.74
C PHE A 527 18.93 -15.64 -7.28
N ILE A 528 19.69 -16.55 -7.88
CA ILE A 528 19.64 -17.96 -7.50
C ILE A 528 20.18 -18.09 -6.07
N SER A 529 21.28 -17.40 -5.83
CA SER A 529 21.93 -17.35 -4.52
C SER A 529 20.97 -16.74 -3.49
N LEU A 530 20.40 -15.58 -3.81
CA LEU A 530 19.32 -15.02 -3.01
C LEU A 530 18.19 -16.04 -2.75
N TYR A 531 17.84 -16.82 -3.77
CA TYR A 531 16.81 -17.83 -3.64
C TYR A 531 17.11 -18.83 -2.50
N HIS A 532 18.30 -19.42 -2.51
CA HIS A 532 18.72 -20.37 -1.48
C HIS A 532 18.88 -19.75 -0.08
N SER A 533 19.45 -18.55 -0.03
CA SER A 533 19.70 -17.91 1.26
C SER A 533 18.39 -17.56 1.96
N SER A 534 17.38 -17.18 1.18
CA SER A 534 16.07 -16.86 1.74
C SER A 534 15.47 -18.07 2.45
N LYS A 535 15.66 -19.25 1.88
CA LYS A 535 15.13 -20.49 2.45
C LYS A 535 15.85 -20.85 3.76
N GLN A 536 16.78 -19.99 4.16
CA GLN A 536 17.57 -20.22 5.37
C GLN A 536 17.38 -19.11 6.39
N GLN A 537 16.27 -18.40 6.28
CA GLN A 537 15.95 -17.36 7.26
C GLN A 537 14.45 -17.32 7.53
N PRO A 551 0.47 -16.04 -2.26
CA PRO A 551 1.52 -17.06 -2.25
C PRO A 551 2.52 -16.77 -3.37
N PHE A 552 1.99 -16.15 -4.42
CA PHE A 552 2.74 -15.69 -5.54
C PHE A 552 3.49 -14.40 -5.22
N GLN A 553 3.44 -14.00 -3.96
CA GLN A 553 4.17 -12.83 -3.48
C GLN A 553 5.41 -13.21 -2.68
N GLY A 554 5.69 -14.50 -2.58
CA GLY A 554 6.90 -14.96 -1.90
C GLY A 554 8.17 -14.56 -2.62
N LEU A 555 9.25 -14.36 -1.87
CA LEU A 555 10.54 -14.03 -2.45
C LEU A 555 11.03 -15.15 -3.38
N GLY A 556 10.88 -16.41 -2.95
CA GLY A 556 11.22 -17.56 -3.75
C GLY A 556 10.64 -17.49 -5.16
N VAL A 557 9.34 -17.22 -5.25
CA VAL A 557 8.68 -17.11 -6.54
C VAL A 557 9.28 -15.98 -7.39
N LYS A 558 9.61 -14.86 -6.75
CA LYS A 558 10.13 -13.71 -7.49
C LYS A 558 11.50 -14.01 -8.10
N CYS A 559 12.34 -14.74 -7.38
CA CYS A 559 13.65 -15.15 -7.90
C CYS A 559 13.51 -16.04 -9.13
N ILE A 560 12.57 -16.99 -9.05
CA ILE A 560 12.27 -17.91 -10.13
C ILE A 560 11.77 -17.14 -11.38
N GLY A 561 10.88 -16.18 -11.15
CA GLY A 561 10.36 -15.35 -12.21
C GLY A 561 11.40 -14.51 -12.94
N VAL A 562 12.25 -13.79 -12.22
CA VAL A 562 13.23 -12.92 -12.87
C VAL A 562 14.28 -13.73 -13.66
N VAL A 563 14.75 -14.80 -13.04
CA VAL A 563 15.76 -15.66 -13.61
C VAL A 563 15.25 -16.38 -14.90
N GLY A 564 14.01 -16.85 -14.88
CA GLY A 564 13.44 -17.46 -16.06
C GLY A 564 13.25 -16.46 -17.19
N SER A 565 12.81 -15.25 -16.83
CA SER A 565 12.60 -14.16 -17.78
C SER A 565 13.84 -13.77 -18.59
N LEU A 566 14.99 -13.68 -17.94
CA LEU A 566 16.21 -13.28 -18.61
C LEU A 566 16.87 -14.41 -19.40
N ALA A 567 16.35 -15.63 -19.26
CA ALA A 567 16.96 -16.79 -19.88
C ALA A 567 16.45 -17.06 -21.31
N HIS A 568 15.44 -16.30 -21.74
CA HIS A 568 14.88 -16.45 -23.09
C HIS A 568 15.94 -16.24 -24.15
N ASP A 569 15.83 -16.95 -25.27
CA ASP A 569 16.62 -16.59 -26.44
C ASP A 569 16.33 -15.13 -26.67
N PRO A 570 17.36 -14.31 -26.93
CA PRO A 570 18.76 -14.64 -27.23
C PRO A 570 19.77 -14.53 -26.08
N ALA A 571 19.37 -14.85 -24.85
CA ALA A 571 20.36 -14.92 -23.76
C ALA A 571 21.49 -15.89 -24.13
N PRO A 572 22.72 -15.59 -23.69
CA PRO A 572 23.82 -16.54 -23.97
C PRO A 572 23.44 -17.95 -23.49
N ILE A 573 24.02 -18.95 -24.13
CA ILE A 573 23.64 -20.34 -23.90
C ILE A 573 23.96 -20.79 -22.48
N GLU A 574 25.04 -20.29 -21.92
CA GLU A 574 25.46 -20.71 -20.60
C GLU A 574 24.66 -20.00 -19.50
N VAL A 575 24.10 -18.84 -19.81
CA VAL A 575 23.14 -18.19 -18.92
C VAL A 575 21.88 -19.05 -18.94
N ASN A 576 21.45 -19.42 -20.13
CA ASN A 576 20.28 -20.25 -20.31
C ASN A 576 20.45 -21.58 -19.60
N ARG A 577 21.66 -22.16 -19.70
CA ARG A 577 21.91 -23.47 -19.13
C ARG A 577 21.88 -23.45 -17.59
N GLU A 578 22.50 -22.45 -16.98
CA GLU A 578 22.51 -22.34 -15.54
C GLU A 578 21.10 -22.10 -14.99
N VAL A 579 20.33 -21.27 -15.67
CA VAL A 579 18.96 -21.01 -15.25
C VAL A 579 18.09 -22.26 -15.44
N GLY A 580 18.21 -22.90 -16.60
CA GLY A 580 17.44 -24.10 -16.91
C GLY A 580 17.70 -25.20 -15.89
N VAL A 581 18.98 -25.41 -15.57
CA VAL A 581 19.39 -26.43 -14.61
C VAL A 581 18.93 -26.11 -13.18
N PHE A 582 18.91 -24.82 -12.83
CA PHE A 582 18.31 -24.40 -11.56
C PHE A 582 16.82 -24.79 -11.49
N LEU A 583 16.08 -24.50 -12.56
CA LEU A 583 14.62 -24.69 -12.59
C LEU A 583 14.22 -26.16 -12.55
N VAL A 584 14.93 -26.99 -13.32
CA VAL A 584 14.73 -28.43 -13.33
C VAL A 584 15.09 -29.08 -11.99
N THR A 585 16.18 -28.63 -11.39
CA THR A 585 16.59 -29.12 -10.07
C THR A 585 15.55 -28.83 -8.98
N LEU A 586 14.70 -27.81 -9.18
CA LEU A 586 13.58 -27.55 -8.25
C LEU A 586 12.56 -28.67 -8.34
N LEU A 587 12.37 -29.20 -9.55
CA LEU A 587 11.42 -30.28 -9.77
C LEU A 587 11.92 -31.60 -9.19
N ARG A 588 13.22 -31.87 -9.35
CA ARG A 588 13.84 -33.10 -8.85
C ARG A 588 13.99 -33.13 -7.34
N GLN A 589 14.24 -31.95 -6.75
CA GLN A 589 14.45 -31.85 -5.32
C GLN A 589 13.40 -30.92 -4.72
N SER A 590 12.14 -31.29 -4.87
CA SER A 590 11.04 -30.39 -4.53
C SER A 590 10.51 -30.54 -3.10
N ASN A 591 11.25 -31.21 -2.23
CA ASN A 591 10.74 -31.44 -0.88
C ASN A 591 10.44 -30.13 -0.17
N ASN A 592 11.30 -29.14 -0.35
CA ASN A 592 11.13 -27.87 0.32
C ASN A 592 10.71 -26.76 -0.64
N VAL A 593 10.05 -27.14 -1.73
CA VAL A 593 9.61 -26.16 -2.73
C VAL A 593 8.08 -26.04 -2.72
N PRO A 594 7.55 -24.93 -2.19
CA PRO A 594 6.09 -24.77 -2.15
C PRO A 594 5.46 -24.73 -3.53
N PRO A 595 4.16 -25.05 -3.62
CA PRO A 595 3.43 -25.15 -4.89
C PRO A 595 3.54 -23.91 -5.75
N ALA A 596 3.48 -22.72 -5.16
CA ALA A 596 3.56 -21.49 -5.96
C ALA A 596 4.90 -21.40 -6.72
N GLU A 597 5.96 -21.91 -6.12
CA GLU A 597 7.27 -21.93 -6.74
C GLU A 597 7.37 -22.98 -7.85
N ILE A 598 6.77 -24.14 -7.61
CA ILE A 598 6.70 -25.18 -8.63
C ILE A 598 5.93 -24.67 -9.83
N VAL A 599 4.79 -24.04 -9.59
CA VAL A 599 3.99 -23.51 -10.68
C VAL A 599 4.75 -22.47 -11.51
N GLU A 600 5.49 -21.58 -10.85
CA GLU A 600 6.25 -20.55 -11.58
C GLU A 600 7.41 -21.17 -12.37
N ALA A 601 8.10 -22.13 -11.74
CA ALA A 601 9.19 -22.84 -12.39
C ALA A 601 8.74 -23.54 -13.68
N LEU A 602 7.59 -24.21 -13.62
CA LEU A 602 7.04 -24.91 -14.78
C LEU A 602 6.70 -23.93 -15.89
N ASN A 603 5.99 -22.85 -15.54
CA ASN A 603 5.67 -21.81 -16.49
C ASN A 603 6.89 -21.18 -17.13
N GLN A 604 7.93 -20.88 -16.35
CA GLN A 604 9.19 -20.39 -16.92
C GLN A 604 9.73 -21.38 -17.94
N LEU A 605 9.76 -22.66 -17.56
CA LEU A 605 10.28 -23.68 -18.44
C LEU A 605 9.51 -23.75 -19.75
N PHE A 606 8.18 -23.56 -19.68
CA PHE A 606 7.32 -23.59 -20.87
C PHE A 606 7.63 -22.44 -21.80
N ASP A 607 7.89 -21.26 -21.22
CA ASP A 607 8.21 -20.07 -22.00
C ASP A 607 9.57 -20.16 -22.71
N ILE A 608 10.57 -20.68 -22.01
CA ILE A 608 11.95 -20.76 -22.51
C ILE A 608 12.19 -21.89 -23.53
N TYR A 609 11.70 -23.09 -23.25
CA TYR A 609 12.03 -24.22 -24.13
C TYR A 609 10.88 -24.71 -25.00
N GLY A 610 10.02 -23.78 -25.41
CA GLY A 610 8.86 -24.16 -26.20
C GLY A 610 9.05 -24.09 -27.70
N ASP A 611 10.25 -23.73 -28.15
CA ASP A 611 10.52 -23.45 -29.57
C ASP A 611 11.75 -24.20 -30.10
N GLU A 612 11.54 -25.12 -31.03
CA GLU A 612 12.60 -26.01 -31.51
C GLU A 612 13.63 -25.29 -32.38
N GLU A 613 13.34 -24.07 -32.78
CA GLU A 613 14.22 -23.35 -33.69
C GLU A 613 15.21 -22.44 -32.97
N LEU A 614 15.14 -22.41 -31.64
CA LEU A 614 16.07 -21.59 -30.85
C LEU A 614 17.25 -22.44 -30.42
N ALA A 615 18.43 -21.83 -30.38
CA ALA A 615 19.65 -22.57 -30.00
C ALA A 615 19.55 -23.35 -28.67
N CYS A 616 18.89 -22.77 -27.66
CA CYS A 616 18.80 -23.42 -26.35
C CYS A 616 17.99 -24.72 -26.36
N ASP A 617 17.19 -24.93 -27.40
CA ASP A 617 16.49 -26.20 -27.53
C ASP A 617 17.45 -27.39 -27.63
N LYS A 618 18.31 -27.40 -28.65
CA LYS A 618 19.26 -28.50 -28.82
C LYS A 618 20.46 -28.35 -27.88
N GLU A 619 20.94 -27.12 -27.74
CA GLU A 619 22.16 -26.86 -26.97
C GLU A 619 21.96 -26.97 -25.45
N VAL A 620 20.72 -27.04 -25.00
CA VAL A 620 20.45 -27.22 -23.57
C VAL A 620 19.34 -28.20 -23.24
N PHE A 621 18.13 -27.92 -23.74
CA PHE A 621 17.01 -28.75 -23.37
C PHE A 621 17.27 -30.23 -23.69
N TRP A 622 17.64 -30.52 -24.93
CA TRP A 622 17.92 -31.90 -25.32
C TRP A 622 19.25 -32.40 -24.83
N LYS A 623 20.28 -31.56 -24.83
CA LYS A 623 21.60 -32.05 -24.47
C LYS A 623 21.71 -32.44 -23.00
N ASP A 624 21.01 -31.71 -22.13
CA ASP A 624 21.13 -31.94 -20.70
C ASP A 624 19.97 -32.76 -20.17
N GLY A 625 19.22 -33.38 -21.08
CA GLY A 625 18.18 -34.34 -20.72
C GLY A 625 17.06 -33.82 -19.83
N PHE A 626 16.55 -32.63 -20.14
CA PHE A 626 15.47 -32.03 -19.34
C PHE A 626 14.16 -32.80 -19.39
N LEU A 627 13.88 -33.47 -20.51
CA LEU A 627 12.61 -34.16 -20.72
C LEU A 627 12.36 -35.27 -19.70
N LYS A 628 13.38 -36.07 -19.41
CA LYS A 628 13.24 -37.15 -18.46
C LYS A 628 12.73 -36.61 -17.12
N HIS A 629 13.26 -35.46 -16.72
CA HIS A 629 12.94 -34.90 -15.42
C HIS A 629 11.55 -34.26 -15.37
N LEU A 630 11.14 -33.67 -16.49
CA LEU A 630 9.80 -33.12 -16.61
C LEU A 630 8.74 -34.22 -16.60
N GLU A 631 8.94 -35.24 -17.43
CA GLU A 631 8.02 -36.37 -17.48
C GLU A 631 7.89 -37.04 -16.10
N GLU A 632 9.02 -37.23 -15.43
CA GLU A 632 9.03 -37.87 -14.13
C GLU A 632 8.35 -37.04 -13.03
N PHE A 633 8.20 -35.74 -13.27
CA PHE A 633 7.63 -34.86 -12.25
C PHE A 633 6.12 -35.00 -12.17
N LEU A 634 5.51 -35.35 -13.30
CA LEU A 634 4.05 -35.46 -13.44
C LEU A 634 3.27 -36.03 -12.23
N PRO A 635 3.67 -37.21 -11.72
CA PRO A 635 2.95 -37.77 -10.57
C PRO A 635 3.03 -36.88 -9.33
N LYS A 636 4.23 -36.38 -9.04
CA LYS A 636 4.43 -35.45 -7.94
C LYS A 636 3.59 -34.19 -8.17
N MET A 637 3.42 -33.79 -9.43
CA MET A 637 2.61 -32.63 -9.76
C MET A 637 1.12 -32.89 -9.48
N ARG A 638 0.64 -34.07 -9.88
CA ARG A 638 -0.74 -34.46 -9.61
C ARG A 638 -1.01 -34.45 -8.10
N THR A 639 -0.11 -35.09 -7.35
CA THR A 639 -0.22 -35.14 -5.92
C THR A 639 -0.29 -33.75 -5.30
N LEU A 640 0.62 -32.88 -5.71
CA LEU A 640 0.72 -31.58 -5.09
C LEU A 640 -0.45 -30.66 -5.46
N THR A 641 -0.96 -30.80 -6.68
CA THR A 641 -2.04 -29.95 -7.16
C THR A 641 -3.32 -30.25 -6.40
N LYS A 642 -3.56 -31.53 -6.13
CA LYS A 642 -4.73 -31.94 -5.37
C LYS A 642 -4.64 -31.46 -3.93
N GLY A 643 -3.44 -31.33 -3.40
CA GLY A 643 -3.25 -30.91 -2.02
C GLY A 643 -3.60 -29.46 -1.73
N ILE A 644 -3.77 -28.65 -2.76
CA ILE A 644 -4.10 -27.24 -2.58
C ILE A 644 -5.61 -27.07 -2.39
N ASP A 645 -6.01 -26.58 -1.22
CA ASP A 645 -7.44 -26.45 -0.89
C ASP A 645 -8.15 -25.38 -1.73
N LYS A 646 -9.19 -25.79 -2.44
CA LYS A 646 -9.96 -24.92 -3.33
C LYS A 646 -10.70 -23.81 -2.58
N ARG A 647 -11.11 -24.10 -1.35
CA ARG A 647 -11.88 -23.15 -0.56
C ARG A 647 -11.00 -22.00 -0.09
N THR A 648 -9.79 -22.34 0.34
CA THR A 648 -8.89 -21.37 0.99
C THR A 648 -7.88 -20.78 0.01
N GLN A 649 -7.52 -21.54 -1.02
CA GLN A 649 -6.56 -21.07 -2.01
C GLN A 649 -7.03 -21.29 -3.44
N PRO A 650 -8.18 -20.70 -3.79
CA PRO A 650 -8.74 -20.91 -5.13
C PRO A 650 -7.84 -20.40 -6.28
N GLU A 651 -7.15 -19.26 -6.11
CA GLU A 651 -6.29 -18.76 -7.17
C GLU A 651 -5.08 -19.68 -7.42
N LEU A 652 -4.43 -20.13 -6.36
CA LEU A 652 -3.30 -21.05 -6.50
C LEU A 652 -3.71 -22.38 -7.11
N ARG A 653 -4.83 -22.93 -6.65
CA ARG A 653 -5.31 -24.21 -7.17
C ARG A 653 -5.58 -24.09 -8.67
N THR A 654 -6.22 -23.01 -9.07
CA THR A 654 -6.52 -22.78 -10.48
C THR A 654 -5.25 -22.71 -11.32
N ARG A 655 -4.21 -22.08 -10.80
CA ARG A 655 -2.98 -21.93 -11.55
C ARG A 655 -2.22 -23.26 -11.57
N ALA A 656 -2.29 -24.00 -10.46
CA ALA A 656 -1.67 -25.30 -10.41
C ALA A 656 -2.31 -26.29 -11.40
N ASP A 657 -3.64 -26.30 -11.48
CA ASP A 657 -4.31 -27.20 -12.42
C ASP A 657 -3.94 -26.88 -13.87
N GLU A 658 -3.86 -25.59 -14.19
CA GLU A 658 -3.48 -25.13 -15.52
C GLU A 658 -2.04 -25.55 -15.84
N ALA A 659 -1.15 -25.42 -14.86
CA ALA A 659 0.24 -25.84 -15.05
C ALA A 659 0.37 -27.35 -15.20
N LEU A 660 -0.43 -28.10 -14.46
CA LEU A 660 -0.40 -29.56 -14.56
C LEU A 660 -0.87 -29.99 -15.95
N LEU A 661 -1.94 -29.37 -16.44
CA LEU A 661 -2.42 -29.59 -17.80
C LEU A 661 -1.35 -29.26 -18.85
N ASN A 662 -0.74 -28.08 -18.72
CA ASN A 662 0.32 -27.67 -19.64
C ASN A 662 1.58 -28.53 -19.55
N LEU A 663 1.87 -29.06 -18.36
CA LEU A 663 2.99 -29.99 -18.21
C LEU A 663 2.78 -31.24 -19.08
N GLY A 664 1.59 -31.81 -18.98
CA GLY A 664 1.21 -32.95 -19.82
C GLY A 664 1.33 -32.63 -21.29
N ARG A 665 0.78 -31.48 -21.70
CA ARG A 665 0.87 -31.05 -23.10
C ARG A 665 2.30 -30.84 -23.56
N PHE A 666 3.10 -30.22 -22.70
CA PHE A 666 4.47 -29.84 -23.07
C PHE A 666 5.31 -31.09 -23.26
N VAL A 667 5.07 -32.09 -22.42
CA VAL A 667 5.81 -33.35 -22.49
C VAL A 667 5.50 -34.14 -23.77
N GLN A 668 4.23 -34.18 -24.16
CA GLN A 668 3.84 -34.86 -25.41
C GLN A 668 4.43 -34.11 -26.60
N TYR A 669 4.39 -32.78 -26.54
CA TYR A 669 4.89 -31.96 -27.64
C TYR A 669 6.40 -32.14 -27.89
N LYS A 670 7.17 -32.12 -26.82
CA LYS A 670 8.61 -32.27 -26.92
C LYS A 670 8.98 -33.65 -27.50
N LYS A 671 8.29 -34.69 -27.03
CA LYS A 671 8.45 -36.05 -27.57
C LYS A 671 8.15 -36.09 -29.06
N LYS A 672 7.06 -35.43 -29.47
CA LYS A 672 6.66 -35.37 -30.88
C LYS A 672 7.70 -34.65 -31.73
N HIS A 673 8.49 -33.79 -31.10
CA HIS A 673 9.52 -33.07 -31.85
C HIS A 673 10.94 -33.41 -31.37
N ALA A 674 11.13 -34.59 -30.80
CA ALA A 674 12.44 -34.98 -30.31
C ALA A 674 13.43 -35.13 -31.48
N PRO A 675 14.68 -34.66 -31.28
CA PRO A 675 15.70 -34.71 -32.33
C PRO A 675 16.26 -36.11 -32.52
#